data_6S7M
#
_entry.id   6S7M
#
_cell.length_a   79.786
_cell.length_b   39.712
_cell.length_c   81.100
_cell.angle_alpha   90.000
_cell.angle_beta   90.082
_cell.angle_gamma   90.000
#
_symmetry.space_group_name_H-M   'P 1 21 1'
#
loop_
_entity.id
_entity.type
_entity.pdbx_description
1 polymer 'Peroxin 14'
2 non-polymer '1-benzothiophene-7-carboxylic acid'
3 non-polymer DI(HYDROXYETHYL)ETHER
4 water water
#
_entity_poly.entity_id   1
_entity_poly.type   'polypeptide(L)'
_entity_poly.pdbx_seq_one_letter_code
;AMWHTHSEREKRVSNAVEFLLDSRVRRTPTSSKVHFLKSKGLSAEEICEAFTKVGQPKTLNEIKRILS
;
_entity_poly.pdbx_strand_id   A,B,C,D,E,F,G,H
#
# COMPACT_ATOMS: atom_id res chain seq x y z
N MET A 2 34.92 8.74 -23.45
CA MET A 2 34.16 9.65 -22.60
C MET A 2 33.00 8.92 -21.93
N TRP A 3 33.12 8.72 -20.60
CA TRP A 3 32.24 7.83 -19.86
C TRP A 3 31.12 8.54 -19.11
N HIS A 4 31.40 9.68 -18.48
CA HIS A 4 30.44 10.35 -17.60
C HIS A 4 29.95 9.38 -16.51
N THR A 5 30.91 8.67 -15.92
CA THR A 5 30.58 7.57 -15.02
C THR A 5 29.73 8.02 -13.85
N HIS A 6 30.09 9.15 -13.25
CA HIS A 6 29.43 9.57 -12.01
C HIS A 6 28.01 10.07 -12.26
N SER A 7 27.81 10.84 -13.35
CA SER A 7 26.49 11.39 -13.61
C SER A 7 25.48 10.29 -13.94
N GLU A 8 25.86 9.32 -14.77
CA GLU A 8 24.93 8.24 -15.08
C GLU A 8 24.66 7.38 -13.85
N ARG A 9 25.65 7.25 -12.95
CA ARG A 9 25.43 6.48 -11.73
C ARG A 9 24.38 7.14 -10.85
N GLU A 10 24.52 8.44 -10.62
CA GLU A 10 23.56 9.10 -9.74
C GLU A 10 22.20 9.30 -10.41
N LYS A 11 22.15 9.35 -11.74
CA LYS A 11 20.85 9.31 -12.43
C LYS A 11 20.15 7.98 -12.17
N ARG A 12 20.88 6.87 -12.30
CA ARG A 12 20.27 5.57 -12.04
C ARG A 12 19.77 5.46 -10.60
N VAL A 13 20.57 5.94 -9.64
CA VAL A 13 20.16 5.86 -8.25
C VAL A 13 18.97 6.77 -7.97
N SER A 14 18.97 7.97 -8.55
CA SER A 14 17.85 8.88 -8.30
C SER A 14 16.55 8.30 -8.86
N ASN A 15 16.59 7.77 -10.08
CA ASN A 15 15.42 7.07 -10.61
C ASN A 15 15.03 5.89 -9.72
N ALA A 16 16.02 5.18 -9.18
CA ALA A 16 15.71 4.04 -8.32
C ALA A 16 15.02 4.48 -7.04
N VAL A 17 15.45 5.61 -6.46
CA VAL A 17 14.84 6.10 -5.23
C VAL A 17 13.37 6.42 -5.46
N GLU A 18 13.07 7.13 -6.54
CA GLU A 18 11.66 7.40 -6.89
C GLU A 18 10.87 6.10 -7.03
N PHE A 19 11.45 5.12 -7.73
CA PHE A 19 10.81 3.82 -7.90
C PHE A 19 10.51 3.18 -6.56
N LEU A 20 11.50 3.13 -5.67
CA LEU A 20 11.32 2.45 -4.38
C LEU A 20 10.33 3.19 -3.50
N LEU A 21 10.12 4.48 -3.74
CA LEU A 21 9.17 5.26 -2.95
C LEU A 21 7.75 5.17 -3.51
N ASP A 22 7.58 4.61 -4.69
CA ASP A 22 6.24 4.47 -5.28
C ASP A 22 5.37 3.68 -4.32
N SER A 23 4.16 4.19 -4.08
CA SER A 23 3.29 3.58 -3.06
C SER A 23 2.93 2.15 -3.44
N ARG A 24 2.77 1.89 -4.74
CA ARG A 24 2.50 0.52 -5.17
C ARG A 24 3.75 -0.34 -5.10
N VAL A 25 4.89 0.19 -5.53
CA VAL A 25 6.14 -0.57 -5.51
C VAL A 25 6.52 -0.93 -4.07
N ARG A 26 6.26 -0.03 -3.13
CA ARG A 26 6.65 -0.29 -1.74
C ARG A 26 6.02 -1.58 -1.23
N ARG A 27 4.82 -1.91 -1.72
CA ARG A 27 4.07 -3.09 -1.30
C ARG A 27 4.35 -4.31 -2.18
N THR A 28 5.49 -4.33 -2.85
CA THR A 28 5.96 -5.50 -3.58
C THR A 28 7.21 -6.05 -2.90
N PRO A 29 7.56 -7.32 -3.13
CA PRO A 29 8.67 -7.92 -2.37
C PRO A 29 10.02 -7.34 -2.78
N THR A 30 10.98 -7.45 -1.85
CA THR A 30 12.32 -6.96 -2.11
C THR A 30 12.91 -7.58 -3.37
N SER A 31 12.76 -8.90 -3.55
CA SER A 31 13.36 -9.56 -4.71
C SER A 31 12.81 -9.00 -6.02
N SER A 32 11.51 -8.67 -6.04
CA SER A 32 10.93 -8.10 -7.25
C SER A 32 11.54 -6.75 -7.57
N LYS A 33 11.72 -5.92 -6.56
CA LYS A 33 12.29 -4.59 -6.78
C LYS A 33 13.76 -4.67 -7.18
N VAL A 34 14.51 -5.60 -6.59
CA VAL A 34 15.92 -5.74 -6.91
C VAL A 34 16.11 -6.22 -8.35
N HIS A 35 15.31 -7.20 -8.77
CA HIS A 35 15.39 -7.67 -10.16
C HIS A 35 15.01 -6.55 -11.13
N PHE A 36 13.98 -5.77 -10.80
CA PHE A 36 13.61 -4.63 -11.64
C PHE A 36 14.79 -3.68 -11.82
N LEU A 37 15.41 -3.27 -10.70
CA LEU A 37 16.49 -2.28 -10.78
C LEU A 37 17.69 -2.85 -11.52
N LYS A 38 18.01 -4.13 -11.32
CA LYS A 38 19.09 -4.73 -12.09
C LYS A 38 18.80 -4.68 -13.59
N SER A 39 17.53 -4.88 -13.98
CA SER A 39 17.18 -4.85 -15.39
C SER A 39 17.30 -3.46 -16.00
N LYS A 40 17.29 -2.41 -15.17
CA LYS A 40 17.50 -1.04 -15.60
C LYS A 40 18.96 -0.61 -15.55
N GLY A 41 19.88 -1.51 -15.21
CA GLY A 41 21.29 -1.22 -15.29
C GLY A 41 21.97 -0.88 -13.99
N LEU A 42 21.26 -0.90 -12.86
CA LEU A 42 21.92 -0.66 -11.57
C LEU A 42 22.73 -1.89 -11.18
N SER A 43 23.92 -1.64 -10.67
CA SER A 43 24.68 -2.68 -10.02
C SER A 43 24.10 -2.97 -8.64
N ALA A 44 24.52 -4.11 -8.07
CA ALA A 44 24.13 -4.42 -6.69
C ALA A 44 24.51 -3.30 -5.73
N GLU A 45 25.69 -2.71 -5.93
CA GLU A 45 26.11 -1.60 -5.07
C GLU A 45 25.18 -0.40 -5.22
N GLU A 46 24.75 -0.10 -6.46
CA GLU A 46 23.84 1.03 -6.64
C GLU A 46 22.46 0.72 -6.09
N ILE A 47 22.00 -0.53 -6.22
CA ILE A 47 20.74 -0.94 -5.60
C ILE A 47 20.81 -0.76 -4.10
N CYS A 48 21.95 -1.15 -3.51
N CYS A 48 21.96 -1.10 -3.52
CA CYS A 48 22.15 -0.93 -2.08
CA CYS A 48 22.14 -0.95 -2.09
C CYS A 48 22.03 0.54 -1.74
C CYS A 48 22.11 0.52 -1.69
N GLU A 49 22.74 1.38 -2.49
CA GLU A 49 22.70 2.83 -2.22
C GLU A 49 21.28 3.34 -2.22
N ALA A 50 20.49 2.91 -3.20
CA ALA A 50 19.10 3.35 -3.29
C ALA A 50 18.30 2.90 -2.07
N PHE A 51 18.46 1.64 -1.63
CA PHE A 51 17.66 1.20 -0.48
C PHE A 51 18.00 1.98 0.77
N THR A 52 19.25 2.39 0.91
CA THR A 52 19.62 3.20 2.07
C THR A 52 19.01 4.59 1.95
N LYS A 53 19.00 5.16 0.75
CA LYS A 53 18.45 6.49 0.52
C LYS A 53 16.94 6.57 0.77
N VAL A 54 16.20 5.46 0.66
CA VAL A 54 14.77 5.49 0.96
C VAL A 54 14.47 5.02 2.37
N GLY A 55 15.50 4.80 3.19
CA GLY A 55 15.30 4.40 4.57
C GLY A 55 14.91 2.95 4.80
N GLN A 56 15.22 2.05 3.86
CA GLN A 56 14.99 0.61 4.03
C GLN A 56 16.29 -0.11 3.69
N PRO A 57 17.33 0.09 4.49
CA PRO A 57 18.67 -0.38 4.09
C PRO A 57 18.75 -1.89 3.95
N LYS A 58 19.44 -2.31 2.91
CA LYS A 58 19.70 -3.72 2.62
C LYS A 58 21.21 -3.94 2.57
N THR A 59 21.63 -5.13 2.99
CA THR A 59 23.04 -5.48 2.91
C THR A 59 23.42 -5.78 1.46
N LEU A 60 24.69 -5.57 1.16
CA LEU A 60 25.19 -5.91 -0.18
C LEU A 60 25.01 -7.40 -0.46
N ASN A 61 25.29 -8.26 0.53
CA ASN A 61 25.18 -9.69 0.28
C ASN A 61 23.74 -10.11 -0.01
N GLU A 62 22.77 -9.53 0.69
CA GLU A 62 21.40 -9.95 0.42
C GLU A 62 20.97 -9.52 -0.97
N ILE A 63 21.49 -8.38 -1.46
CA ILE A 63 21.17 -7.98 -2.83
C ILE A 63 21.86 -8.92 -3.82
N LYS A 64 23.14 -9.20 -3.59
CA LYS A 64 23.85 -10.10 -4.49
C LYS A 64 23.22 -11.48 -4.47
N ARG A 65 22.76 -11.94 -3.31
CA ARG A 65 22.18 -13.27 -3.24
C ARG A 65 20.88 -13.35 -4.04
N ILE A 66 20.11 -12.26 -4.09
CA ILE A 66 18.91 -12.25 -4.93
C ILE A 66 19.30 -12.37 -6.40
N LEU A 67 20.35 -11.68 -6.82
CA LEU A 67 20.68 -11.60 -8.23
C LEU A 67 21.56 -12.74 -8.75
N SER A 68 22.13 -13.56 -7.87
CA SER A 68 23.05 -14.59 -8.32
C SER A 68 22.32 -15.83 -8.83
N ALA B 1 -13.94 8.69 -24.10
CA ALA B 1 -13.56 8.35 -22.75
C ALA B 1 -13.28 9.63 -21.95
N MET B 2 -14.34 10.35 -21.63
CA MET B 2 -14.24 11.64 -20.95
C MET B 2 -14.18 11.47 -19.44
N TRP B 3 -15.21 10.83 -18.87
CA TRP B 3 -15.32 10.73 -17.42
C TRP B 3 -14.88 9.38 -16.86
N HIS B 4 -14.84 8.33 -17.68
CA HIS B 4 -14.39 7.00 -17.23
C HIS B 4 -15.12 6.57 -15.96
N THR B 5 -16.38 7.01 -15.81
CA THR B 5 -17.00 7.05 -14.50
C THR B 5 -16.93 5.71 -13.78
N HIS B 6 -17.42 4.65 -14.41
CA HIS B 6 -17.48 3.36 -13.71
C HIS B 6 -16.11 2.71 -13.57
N SER B 7 -15.22 2.89 -14.54
CA SER B 7 -13.88 2.33 -14.40
C SER B 7 -13.14 2.97 -13.24
N GLU B 8 -13.22 4.30 -13.14
CA GLU B 8 -12.55 5.01 -12.04
C GLU B 8 -13.21 4.71 -10.69
N ARG B 9 -14.55 4.60 -10.68
CA ARG B 9 -15.24 4.16 -9.48
C ARG B 9 -14.70 2.82 -8.97
N GLU B 10 -14.59 1.83 -9.86
CA GLU B 10 -14.14 0.53 -9.39
C GLU B 10 -12.65 0.50 -9.10
N LYS B 11 -11.85 1.37 -9.73
CA LYS B 11 -10.45 1.48 -9.32
C LYS B 11 -10.35 1.98 -7.89
N ARG B 12 -11.12 3.03 -7.57
CA ARG B 12 -11.12 3.56 -6.20
C ARG B 12 -11.62 2.52 -5.19
N VAL B 13 -12.68 1.81 -5.54
CA VAL B 13 -13.22 0.80 -4.62
C VAL B 13 -12.24 -0.36 -4.44
N SER B 14 -11.63 -0.84 -5.54
CA SER B 14 -10.64 -1.91 -5.41
C SER B 14 -9.46 -1.48 -4.53
N ASN B 15 -8.96 -0.25 -4.69
CA ASN B 15 -7.91 0.26 -3.79
C ASN B 15 -8.41 0.35 -2.36
N ALA B 16 -9.68 0.75 -2.18
CA ALA B 16 -10.25 0.86 -0.84
C ALA B 16 -10.35 -0.50 -0.18
N VAL B 17 -10.69 -1.54 -0.95
CA VAL B 17 -10.77 -2.88 -0.39
C VAL B 17 -9.42 -3.33 0.15
N GLU B 18 -8.36 -3.10 -0.64
CA GLU B 18 -7.02 -3.42 -0.16
C GLU B 18 -6.71 -2.67 1.14
N PHE B 19 -7.04 -1.37 1.18
CA PHE B 19 -6.80 -0.56 2.38
C PHE B 19 -7.56 -1.13 3.57
N LEU B 20 -8.86 -1.39 3.42
CA LEU B 20 -9.67 -1.85 4.54
C LEU B 20 -9.23 -3.23 5.02
N LEU B 21 -8.57 -4.02 4.19
CA LEU B 21 -8.11 -5.35 4.59
C LEU B 21 -6.73 -5.34 5.22
N ASP B 22 -6.00 -4.24 5.15
CA ASP B 22 -4.67 -4.19 5.74
C ASP B 22 -4.73 -4.49 7.24
N SER B 23 -3.78 -5.30 7.71
CA SER B 23 -3.85 -5.76 9.10
C SER B 23 -3.83 -4.59 10.08
N ARG B 24 -3.08 -3.53 9.77
CA ARG B 24 -3.07 -2.36 10.65
C ARG B 24 -4.34 -1.54 10.49
N VAL B 25 -4.77 -1.29 9.25
CA VAL B 25 -5.95 -0.46 9.01
C VAL B 25 -7.18 -1.11 9.63
N ARG B 26 -7.28 -2.45 9.53
CA ARG B 26 -8.44 -3.15 10.07
C ARG B 26 -8.62 -2.85 11.56
N ARG B 27 -7.52 -2.59 12.26
CA ARG B 27 -7.53 -2.32 13.69
C ARG B 27 -7.65 -0.83 14.03
N THR B 28 -8.15 -0.02 13.10
CA THR B 28 -8.48 1.38 13.32
C THR B 28 -10.00 1.59 13.23
N PRO B 29 -10.54 2.68 13.79
CA PRO B 29 -11.99 2.85 13.87
C PRO B 29 -12.59 3.15 12.51
N THR B 30 -13.89 2.82 12.37
CA THR B 30 -14.60 3.07 11.11
C THR B 30 -14.50 4.53 10.67
N SER B 31 -14.65 5.46 11.62
CA SER B 31 -14.63 6.87 11.27
C SER B 31 -13.30 7.27 10.65
N SER B 32 -12.19 6.77 11.20
CA SER B 32 -10.88 7.10 10.63
C SER B 32 -10.75 6.57 9.20
N LYS B 33 -11.24 5.36 8.94
CA LYS B 33 -11.11 4.78 7.61
C LYS B 33 -12.00 5.51 6.62
N VAL B 34 -13.18 5.93 7.07
CA VAL B 34 -14.13 6.63 6.19
C VAL B 34 -13.58 7.99 5.81
N HIS B 35 -13.00 8.71 6.78
CA HIS B 35 -12.38 9.98 6.48
C HIS B 35 -11.21 9.82 5.51
N PHE B 36 -10.39 8.79 5.74
CA PHE B 36 -9.27 8.54 4.83
C PHE B 36 -9.76 8.33 3.39
N LEU B 37 -10.76 7.48 3.21
CA LEU B 37 -11.21 7.17 1.84
C LEU B 37 -11.87 8.38 1.18
N LYS B 38 -12.60 9.17 1.95
CA LYS B 38 -13.13 10.43 1.41
C LYS B 38 -12.00 11.33 0.95
N SER B 39 -10.89 11.37 1.71
CA SER B 39 -9.77 12.22 1.31
C SER B 39 -9.08 11.72 0.04
N LYS B 40 -9.28 10.46 -0.33
CA LYS B 40 -8.72 9.94 -1.57
C LYS B 40 -9.68 10.04 -2.75
N GLY B 41 -10.86 10.64 -2.57
CA GLY B 41 -11.77 10.86 -3.66
C GLY B 41 -12.94 9.89 -3.74
N LEU B 42 -13.09 8.97 -2.79
CA LEU B 42 -14.26 8.11 -2.77
C LEU B 42 -15.49 8.88 -2.28
N SER B 43 -16.60 8.70 -2.97
CA SER B 43 -17.87 9.19 -2.47
C SER B 43 -18.38 8.29 -1.34
N ALA B 44 -19.38 8.79 -0.60
CA ALA B 44 -19.97 7.94 0.44
C ALA B 44 -20.52 6.65 -0.15
N GLU B 45 -21.13 6.73 -1.33
CA GLU B 45 -21.63 5.52 -1.98
C GLU B 45 -20.50 4.53 -2.28
N GLU B 46 -19.34 5.05 -2.72
CA GLU B 46 -18.22 4.16 -3.00
C GLU B 46 -17.62 3.60 -1.72
N ILE B 47 -17.53 4.42 -0.66
CA ILE B 47 -17.06 3.91 0.62
C ILE B 47 -17.98 2.79 1.09
N CYS B 48 -19.28 3.01 0.96
N CYS B 48 -19.29 3.02 0.99
CA CYS B 48 -20.26 1.98 1.29
CA CYS B 48 -20.27 1.98 1.24
C CYS B 48 -19.98 0.68 0.53
C CYS B 48 -19.90 0.69 0.53
N GLU B 49 -19.72 0.77 -0.79
CA GLU B 49 -19.41 -0.42 -1.57
C GLU B 49 -18.18 -1.15 -1.05
N ALA B 50 -17.11 -0.40 -0.72
CA ALA B 50 -15.91 -1.05 -0.21
C ALA B 50 -16.16 -1.75 1.11
N PHE B 51 -16.89 -1.12 2.03
CA PHE B 51 -17.14 -1.77 3.31
C PHE B 51 -17.96 -3.03 3.14
N THR B 52 -18.95 -3.01 2.24
N THR B 52 -18.95 -3.02 2.24
CA THR B 52 -19.72 -4.23 1.98
CA THR B 52 -19.71 -4.24 2.00
C THR B 52 -18.81 -5.32 1.45
C THR B 52 -18.82 -5.34 1.44
N LYS B 53 -17.90 -4.97 0.54
CA LYS B 53 -17.06 -5.97 -0.11
C LYS B 53 -16.07 -6.63 0.85
N VAL B 54 -15.72 -5.99 1.97
CA VAL B 54 -14.85 -6.66 2.93
C VAL B 54 -15.69 -7.31 4.02
N GLY B 55 -17.00 -7.38 3.80
CA GLY B 55 -17.85 -8.07 4.74
C GLY B 55 -18.15 -7.33 6.02
N GLN B 56 -18.01 -6.02 6.02
CA GLN B 56 -18.32 -5.18 7.18
C GLN B 56 -19.25 -4.09 6.70
N PRO B 57 -20.47 -4.44 6.29
CA PRO B 57 -21.35 -3.47 5.63
C PRO B 57 -21.70 -2.33 6.59
N LYS B 58 -21.62 -1.11 6.07
CA LYS B 58 -22.01 0.08 6.79
C LYS B 58 -23.11 0.74 5.98
N THR B 59 -24.11 1.29 6.66
CA THR B 59 -25.20 1.87 5.90
C THR B 59 -24.73 3.18 5.28
N LEU B 60 -25.39 3.56 4.18
CA LEU B 60 -25.05 4.83 3.55
C LEU B 60 -25.22 5.98 4.53
N ASN B 61 -26.29 5.95 5.33
CA ASN B 61 -26.50 7.05 6.26
C ASN B 61 -25.42 7.11 7.33
N GLU B 62 -24.92 5.95 7.80
CA GLU B 62 -23.83 5.97 8.76
C GLU B 62 -22.60 6.68 8.18
N ILE B 63 -22.30 6.41 6.91
CA ILE B 63 -21.12 6.98 6.26
C ILE B 63 -21.30 8.48 6.06
N LYS B 64 -22.47 8.88 5.58
CA LYS B 64 -22.74 10.30 5.40
C LYS B 64 -22.69 11.04 6.73
N ARG B 65 -23.18 10.40 7.79
N ARG B 65 -23.19 10.42 7.80
CA ARG B 65 -23.18 11.04 9.11
CA ARG B 65 -23.16 11.11 9.09
C ARG B 65 -21.76 11.29 9.59
C ARG B 65 -21.73 11.33 9.56
N ILE B 66 -20.85 10.34 9.36
CA ILE B 66 -19.44 10.54 9.69
C ILE B 66 -18.86 11.72 8.91
N LEU B 67 -19.22 11.84 7.63
CA LEU B 67 -18.59 12.84 6.77
C LEU B 67 -19.21 14.22 6.87
N SER B 68 -20.44 14.33 7.39
N SER B 68 -20.43 14.34 7.41
CA SER B 68 -21.18 15.59 7.41
CA SER B 68 -21.15 15.60 7.44
C SER B 68 -20.47 16.71 8.19
C SER B 68 -20.92 16.41 8.73
N MET C 2 21.32 -27.82 -9.39
CA MET C 2 20.23 -28.73 -9.71
C MET C 2 18.90 -28.00 -9.78
N TRP C 3 18.60 -27.15 -8.78
CA TRP C 3 17.31 -26.49 -8.76
C TRP C 3 17.21 -25.39 -9.81
N HIS C 4 18.34 -24.74 -10.10
CA HIS C 4 18.41 -23.59 -11.02
C HIS C 4 17.34 -22.55 -10.69
N THR C 5 17.25 -22.22 -9.39
CA THR C 5 16.14 -21.41 -8.90
C THR C 5 16.09 -20.06 -9.59
N HIS C 6 17.19 -19.33 -9.62
CA HIS C 6 17.12 -17.96 -10.11
C HIS C 6 17.08 -17.90 -11.64
N SER C 7 17.73 -18.83 -12.33
CA SER C 7 17.65 -18.83 -13.78
C SER C 7 16.24 -19.17 -14.26
N GLU C 8 15.62 -20.18 -13.66
CA GLU C 8 14.27 -20.51 -14.12
C GLU C 8 13.24 -19.48 -13.64
N ARG C 9 13.46 -18.86 -12.47
CA ARG C 9 12.64 -17.72 -12.08
C ARG C 9 12.70 -16.62 -13.14
N GLU C 10 13.91 -16.24 -13.56
CA GLU C 10 14.02 -15.14 -14.49
C GLU C 10 13.58 -15.54 -15.89
N LYS C 11 13.67 -16.82 -16.24
CA LYS C 11 13.07 -17.30 -17.49
C LYS C 11 11.55 -17.15 -17.46
N ARG C 12 10.91 -17.56 -16.35
CA ARG C 12 9.47 -17.40 -16.23
C ARG C 12 9.08 -15.93 -16.26
N VAL C 13 9.81 -15.07 -15.55
CA VAL C 13 9.45 -13.66 -15.55
C VAL C 13 9.63 -13.05 -16.94
N SER C 14 10.69 -13.45 -17.66
N SER C 14 10.69 -13.45 -17.65
CA SER C 14 10.89 -12.92 -19.00
CA SER C 14 10.90 -12.93 -19.00
C SER C 14 9.77 -13.35 -19.93
C SER C 14 9.78 -13.36 -19.94
N ASN C 15 9.37 -14.61 -19.86
CA ASN C 15 8.21 -15.05 -20.65
C ASN C 15 6.96 -14.28 -20.24
N ALA C 16 6.80 -14.04 -18.93
CA ALA C 16 5.61 -13.32 -18.45
C ALA C 16 5.59 -11.89 -18.98
N VAL C 17 6.76 -11.25 -19.05
CA VAL C 17 6.83 -9.90 -19.59
C VAL C 17 6.39 -9.89 -21.04
N GLU C 18 6.87 -10.85 -21.82
CA GLU C 18 6.46 -10.96 -23.22
C GLU C 18 4.95 -11.11 -23.32
N PHE C 19 4.38 -11.97 -22.49
CA PHE C 19 2.94 -12.18 -22.47
C PHE C 19 2.20 -10.88 -22.13
N LEU C 20 2.62 -10.20 -21.08
CA LEU C 20 1.89 -9.02 -20.62
C LEU C 20 1.96 -7.89 -21.64
N LEU C 21 3.00 -7.86 -22.48
CA LEU C 21 3.12 -6.80 -23.46
C LEU C 21 2.39 -7.10 -24.76
N ASP C 22 1.91 -8.34 -24.95
CA ASP C 22 1.17 -8.68 -26.16
C ASP C 22 -0.06 -7.78 -26.34
N SER C 23 -0.31 -7.34 -27.58
CA SER C 23 -1.34 -6.34 -27.82
C SER C 23 -2.73 -6.84 -27.40
N ARG C 24 -3.03 -8.13 -27.60
CA ARG C 24 -4.32 -8.66 -27.17
C ARG C 24 -4.35 -8.84 -25.65
N VAL C 25 -3.29 -9.40 -25.09
CA VAL C 25 -3.26 -9.68 -23.66
C VAL C 25 -3.39 -8.40 -22.85
N ARG C 26 -2.71 -7.33 -23.29
CA ARG C 26 -2.74 -6.08 -22.55
C ARG C 26 -4.16 -5.61 -22.36
N ARG C 27 -5.05 -5.96 -23.30
CA ARG C 27 -6.45 -5.55 -23.27
C ARG C 27 -7.32 -6.58 -22.59
N THR C 28 -6.75 -7.44 -21.75
CA THR C 28 -7.51 -8.33 -20.90
C THR C 28 -7.34 -7.93 -19.44
N PRO C 29 -8.26 -8.32 -18.56
CA PRO C 29 -8.21 -7.85 -17.17
C PRO C 29 -7.07 -8.47 -16.39
N THR C 30 -6.67 -7.76 -15.34
CA THR C 30 -5.58 -8.22 -14.47
C THR C 30 -5.82 -9.61 -13.91
N SER C 31 -7.05 -9.91 -13.49
CA SER C 31 -7.34 -11.24 -12.93
C SER C 31 -7.06 -12.35 -13.93
N SER C 32 -7.43 -12.14 -15.20
CA SER C 32 -7.19 -13.17 -16.21
C SER C 32 -5.69 -13.41 -16.40
N LYS C 33 -4.91 -12.34 -16.49
CA LYS C 33 -3.47 -12.46 -16.68
C LYS C 33 -2.80 -13.09 -15.47
N VAL C 34 -3.27 -12.75 -14.26
CA VAL C 34 -2.67 -13.32 -13.05
C VAL C 34 -2.95 -14.82 -12.99
N HIS C 35 -4.18 -15.22 -13.29
CA HIS C 35 -4.48 -16.64 -13.32
C HIS C 35 -3.66 -17.36 -14.38
N PHE C 36 -3.54 -16.75 -15.57
CA PHE C 36 -2.73 -17.38 -16.61
C PHE C 36 -1.32 -17.63 -16.13
N LEU C 37 -0.68 -16.59 -15.57
CA LEU C 37 0.73 -16.73 -15.21
C LEU C 37 0.91 -17.71 -14.07
N LYS C 38 -0.02 -17.76 -13.12
CA LYS C 38 0.05 -18.79 -12.08
C LYS C 38 -0.01 -20.18 -12.70
N SER C 39 -0.85 -20.37 -13.72
CA SER C 39 -0.96 -21.68 -14.34
C SER C 39 0.30 -22.07 -15.10
N LYS C 40 1.16 -21.11 -15.41
CA LYS C 40 2.46 -21.38 -16.03
C LYS C 40 3.56 -21.55 -15.00
N GLY C 41 3.22 -21.55 -13.72
CA GLY C 41 4.20 -21.83 -12.69
C GLY C 41 4.80 -20.60 -12.02
N LEU C 42 4.37 -19.40 -12.39
CA LEU C 42 4.87 -18.23 -11.70
C LEU C 42 4.23 -18.15 -10.32
N SER C 43 5.06 -17.86 -9.32
CA SER C 43 4.54 -17.57 -8.00
C SER C 43 3.97 -16.16 -7.97
N ALA C 44 3.22 -15.86 -6.90
CA ALA C 44 2.68 -14.51 -6.73
C ALA C 44 3.80 -13.48 -6.76
N GLU C 45 4.94 -13.80 -6.15
CA GLU C 45 6.08 -12.89 -6.16
C GLU C 45 6.61 -12.65 -7.57
N GLU C 46 6.69 -13.71 -8.36
CA GLU C 46 7.18 -13.58 -9.73
C GLU C 46 6.19 -12.83 -10.60
N ILE C 47 4.88 -13.07 -10.39
CA ILE C 47 3.86 -12.29 -11.11
C ILE C 47 4.01 -10.82 -10.76
N CYS C 48 4.24 -10.51 -9.48
N CYS C 48 4.26 -10.53 -9.50
CA CYS C 48 4.55 -9.15 -9.07
CA CYS C 48 4.54 -9.17 -9.07
C CYS C 48 5.72 -8.59 -9.87
C CYS C 48 5.73 -8.58 -9.80
N GLU C 49 6.81 -9.36 -9.97
CA GLU C 49 7.98 -8.89 -10.71
C GLU C 49 7.62 -8.57 -12.16
N ALA C 50 6.85 -9.44 -12.81
CA ALA C 50 6.50 -9.22 -14.20
C ALA C 50 5.69 -7.94 -14.37
N PHE C 51 4.67 -7.73 -13.54
CA PHE C 51 3.85 -6.53 -13.65
C PHE C 51 4.65 -5.26 -13.37
N THR C 52 5.57 -5.31 -12.41
N THR C 52 5.57 -5.33 -12.42
CA THR C 52 6.44 -4.16 -12.19
CA THR C 52 6.44 -4.17 -12.18
C THR C 52 7.29 -3.88 -13.42
C THR C 52 7.30 -3.87 -13.40
N LYS C 53 7.85 -4.91 -14.02
CA LYS C 53 8.73 -4.72 -15.17
C LYS C 53 7.99 -4.18 -16.39
N VAL C 54 6.67 -4.37 -16.51
CA VAL C 54 5.92 -3.79 -17.63
C VAL C 54 5.32 -2.43 -17.28
N GLY C 55 5.71 -1.84 -16.15
CA GLY C 55 5.21 -0.52 -15.79
C GLY C 55 3.80 -0.49 -15.28
N GLN C 56 3.28 -1.63 -14.80
CA GLN C 56 1.93 -1.69 -14.23
C GLN C 56 1.99 -2.42 -12.89
N PRO C 57 2.65 -1.83 -11.89
CA PRO C 57 2.90 -2.56 -10.65
C PRO C 57 1.61 -2.93 -9.95
N LYS C 58 1.57 -4.17 -9.46
CA LYS C 58 0.48 -4.67 -8.64
C LYS C 58 1.09 -5.04 -7.30
N THR C 59 0.37 -4.82 -6.22
CA THR C 59 0.94 -5.19 -4.93
C THR C 59 0.92 -6.70 -4.76
N LEU C 60 1.81 -7.18 -3.90
CA LEU C 60 1.79 -8.60 -3.60
C LEU C 60 0.43 -9.04 -3.07
N ASN C 61 -0.19 -8.21 -2.22
CA ASN C 61 -1.47 -8.60 -1.65
C ASN C 61 -2.56 -8.69 -2.71
N GLU C 62 -2.59 -7.79 -3.69
N GLU C 62 -2.58 -7.77 -3.68
CA GLU C 62 -3.64 -7.88 -4.71
CA GLU C 62 -3.55 -7.80 -4.77
C GLU C 62 -3.48 -9.15 -5.55
C GLU C 62 -3.46 -9.10 -5.57
N ILE C 63 -2.23 -9.50 -5.89
CA ILE C 63 -1.99 -10.75 -6.62
C ILE C 63 -2.43 -11.95 -5.79
N LYS C 64 -2.04 -11.98 -4.52
CA LYS C 64 -2.43 -13.10 -3.67
C LYS C 64 -3.94 -13.21 -3.56
N ARG C 65 -4.63 -12.06 -3.47
CA ARG C 65 -6.07 -12.11 -3.27
C ARG C 65 -6.78 -12.63 -4.51
N ILE C 66 -6.26 -12.30 -5.70
CA ILE C 66 -6.77 -12.88 -6.94
C ILE C 66 -6.63 -14.39 -6.94
N LEU C 67 -5.50 -14.89 -6.43
CA LEU C 67 -5.18 -16.31 -6.51
C LEU C 67 -5.81 -17.13 -5.40
N SER C 68 -6.26 -16.51 -4.32
CA SER C 68 -6.67 -17.27 -3.15
C SER C 68 -8.15 -17.63 -3.21
N ALA D 1 -23.62 24.22 15.14
CA ALA D 1 -23.26 25.54 15.62
C ALA D 1 -22.78 25.50 17.06
N MET D 2 -23.29 24.54 17.82
CA MET D 2 -22.91 24.45 19.23
C MET D 2 -21.56 23.75 19.38
N TRP D 3 -21.41 22.55 18.81
CA TRP D 3 -20.22 21.76 19.06
C TRP D 3 -19.24 21.71 17.90
N HIS D 4 -19.69 22.01 16.67
CA HIS D 4 -18.80 22.04 15.51
C HIS D 4 -17.95 20.77 15.42
N THR D 5 -18.54 19.63 15.80
N THR D 5 -18.57 19.63 15.75
CA THR D 5 -17.75 18.44 16.09
CA THR D 5 -17.83 18.42 16.10
C THR D 5 -16.89 18.04 14.91
C THR D 5 -16.93 17.96 14.95
N HIS D 6 -17.50 17.72 13.78
CA HIS D 6 -16.73 17.18 12.68
C HIS D 6 -15.82 18.22 12.06
N SER D 7 -16.23 19.49 12.04
CA SER D 7 -15.34 20.52 11.52
C SER D 7 -14.11 20.66 12.41
N GLU D 8 -14.30 20.70 13.73
CA GLU D 8 -13.17 20.81 14.66
C GLU D 8 -12.29 19.56 14.63
N ARG D 9 -12.92 18.39 14.56
CA ARG D 9 -12.17 17.14 14.37
C ARG D 9 -11.22 17.24 13.18
N GLU D 10 -11.72 17.67 12.03
CA GLU D 10 -10.88 17.69 10.85
C GLU D 10 -9.87 18.84 10.84
N LYS D 11 -10.14 19.93 11.54
CA LYS D 11 -9.09 20.93 11.76
C LYS D 11 -7.96 20.33 12.59
N ARG D 12 -8.31 19.63 13.67
CA ARG D 12 -7.28 19.00 14.51
C ARG D 12 -6.49 17.94 13.71
N VAL D 13 -7.19 17.09 12.96
CA VAL D 13 -6.49 16.09 12.16
C VAL D 13 -5.67 16.74 11.07
N SER D 14 -6.19 17.79 10.43
CA SER D 14 -5.42 18.52 9.41
C SER D 14 -4.13 19.09 9.99
N ASN D 15 -4.21 19.71 11.17
CA ASN D 15 -3.01 20.20 11.85
C ASN D 15 -2.09 19.05 12.23
N ALA D 16 -2.66 17.91 12.65
CA ALA D 16 -1.84 16.75 13.03
C ALA D 16 -1.08 16.21 11.83
N VAL D 17 -1.71 16.20 10.65
CA VAL D 17 -1.03 15.71 9.47
C VAL D 17 0.19 16.58 9.15
N GLU D 18 0.03 17.91 9.21
CA GLU D 18 1.16 18.80 8.99
C GLU D 18 2.30 18.47 9.94
N PHE D 19 1.95 18.32 11.23
CA PHE D 19 2.93 17.99 12.26
C PHE D 19 3.62 16.67 11.94
N LEU D 20 2.84 15.64 11.62
CA LEU D 20 3.45 14.33 11.39
C LEU D 20 4.34 14.32 10.16
N LEU D 21 4.06 15.19 9.19
CA LEU D 21 4.85 15.23 7.96
C LEU D 21 6.07 16.14 8.07
N ASP D 22 6.17 16.95 9.13
CA ASP D 22 7.31 17.85 9.27
C ASP D 22 8.61 17.05 9.30
N SER D 23 9.62 17.55 8.58
CA SER D 23 10.84 16.77 8.37
C SER D 23 11.54 16.45 9.69
N ARG D 24 11.51 17.38 10.65
CA ARG D 24 12.12 17.07 11.94
C ARG D 24 11.24 16.13 12.76
N VAL D 25 9.93 16.37 12.77
CA VAL D 25 9.03 15.54 13.58
C VAL D 25 9.06 14.10 13.09
N ARG D 26 9.14 13.91 11.77
CA ARG D 26 9.00 12.58 11.20
C ARG D 26 9.96 11.58 11.81
N ARG D 27 11.17 12.02 12.19
CA ARG D 27 12.19 11.13 12.72
C ARG D 27 12.18 11.06 14.25
N THR D 28 11.10 11.45 14.89
CA THR D 28 10.97 11.35 16.33
C THR D 28 10.13 10.13 16.66
N PRO D 29 10.17 9.63 17.90
CA PRO D 29 9.47 8.38 18.19
C PRO D 29 7.96 8.55 18.11
N THR D 30 7.30 7.43 17.84
CA THR D 30 5.85 7.43 17.79
C THR D 30 5.26 7.91 19.11
N SER D 31 5.87 7.48 20.23
CA SER D 31 5.36 7.87 21.53
C SER D 31 5.35 9.38 21.71
N SER D 32 6.42 10.05 21.28
N SER D 32 6.42 10.05 21.28
CA SER D 32 6.49 11.50 21.39
CA SER D 32 6.47 11.50 21.41
C SER D 32 5.39 12.16 20.57
C SER D 32 5.39 12.17 20.57
N LYS D 33 5.21 11.70 19.33
CA LYS D 33 4.18 12.28 18.46
C LYS D 33 2.80 12.09 19.06
N VAL D 34 2.53 10.92 19.62
CA VAL D 34 1.20 10.62 20.14
C VAL D 34 0.89 11.45 21.37
N HIS D 35 1.83 11.52 22.32
CA HIS D 35 1.64 12.37 23.50
C HIS D 35 1.47 13.84 23.12
N PHE D 36 2.27 14.33 22.16
CA PHE D 36 2.10 15.70 21.68
C PHE D 36 0.69 15.94 21.15
N LEU D 37 0.21 15.06 20.25
CA LEU D 37 -1.10 15.29 19.64
C LEU D 37 -2.21 15.23 20.68
N LYS D 38 -2.10 14.32 21.65
CA LYS D 38 -3.06 14.28 22.74
C LYS D 38 -3.07 15.59 23.53
N SER D 39 -1.89 16.20 23.75
CA SER D 39 -1.82 17.45 24.50
C SER D 39 -2.42 18.63 23.75
N LYS D 40 -2.57 18.52 22.42
CA LYS D 40 -3.25 19.55 21.65
C LYS D 40 -4.74 19.29 21.52
N GLY D 41 -5.26 18.26 22.18
CA GLY D 41 -6.69 17.99 22.19
C GLY D 41 -7.18 16.90 21.25
N LEU D 42 -6.31 16.21 20.51
CA LEU D 42 -6.79 15.11 19.68
C LEU D 42 -7.08 13.89 20.54
N SER D 43 -8.21 13.26 20.27
CA SER D 43 -8.52 11.97 20.88
C SER D 43 -7.65 10.88 20.25
N ALA D 44 -7.61 9.71 20.88
CA ALA D 44 -6.87 8.60 20.29
C ALA D 44 -7.36 8.29 18.89
N GLU D 45 -8.69 8.35 18.67
CA GLU D 45 -9.26 8.09 17.35
C GLU D 45 -8.78 9.10 16.31
N GLU D 46 -8.69 10.39 16.69
CA GLU D 46 -8.22 11.40 15.75
C GLU D 46 -6.73 11.24 15.47
N ILE D 47 -5.95 10.87 16.50
CA ILE D 47 -4.54 10.58 16.26
C ILE D 47 -4.42 9.44 15.27
N CYS D 48 -5.26 8.41 15.43
N CYS D 48 -5.26 8.40 15.43
CA CYS D 48 -5.29 7.28 14.53
CA CYS D 48 -5.27 7.28 14.49
C CYS D 48 -5.57 7.72 13.09
C CYS D 48 -5.53 7.75 13.07
N GLU D 49 -6.54 8.62 12.90
CA GLU D 49 -6.86 9.13 11.58
C GLU D 49 -5.66 9.85 10.96
N ALA D 50 -4.98 10.69 11.76
CA ALA D 50 -3.83 11.42 11.26
C ALA D 50 -2.72 10.48 10.81
N PHE D 51 -2.42 9.45 11.61
CA PHE D 51 -1.35 8.52 11.22
C PHE D 51 -1.72 7.75 9.95
N THR D 52 -2.98 7.36 9.83
N THR D 52 -2.99 7.37 9.83
CA THR D 52 -3.40 6.68 8.60
CA THR D 52 -3.43 6.69 8.61
C THR D 52 -3.28 7.62 7.40
C THR D 52 -3.32 7.60 7.39
N LYS D 53 -3.65 8.89 7.55
CA LYS D 53 -3.60 9.81 6.43
C LYS D 53 -2.17 10.14 5.97
N VAL D 54 -1.16 9.99 6.83
CA VAL D 54 0.20 10.25 6.35
C VAL D 54 0.85 8.94 5.91
N GLY D 55 0.06 7.88 5.79
CA GLY D 55 0.56 6.61 5.29
C GLY D 55 1.38 5.80 6.28
N GLN D 56 1.23 6.05 7.58
CA GLN D 56 1.92 5.29 8.62
C GLN D 56 0.88 4.85 9.64
N PRO D 57 0.00 3.93 9.27
CA PRO D 57 -1.12 3.58 10.15
C PRO D 57 -0.64 2.95 11.45
N LYS D 58 -1.24 3.38 12.55
CA LYS D 58 -1.05 2.80 13.87
C LYS D 58 -2.41 2.29 14.33
N THR D 59 -2.43 1.17 15.05
CA THR D 59 -3.72 0.66 15.48
C THR D 59 -4.27 1.52 16.62
N LEU D 60 -5.59 1.48 16.78
CA LEU D 60 -6.22 2.21 17.87
C LEU D 60 -5.67 1.78 19.22
N ASN D 61 -5.48 0.47 19.41
CA ASN D 61 -5.00 0.00 20.69
C ASN D 61 -3.55 0.41 20.94
N GLU D 62 -2.75 0.51 19.87
CA GLU D 62 -1.37 0.97 20.02
C GLU D 62 -1.35 2.40 20.57
N ILE D 63 -2.19 3.26 20.00
CA ILE D 63 -2.32 4.64 20.46
C ILE D 63 -2.84 4.69 21.88
N LYS D 64 -3.89 3.90 22.16
CA LYS D 64 -4.45 3.88 23.49
C LYS D 64 -3.43 3.41 24.52
N ARG D 65 -2.61 2.42 24.14
CA ARG D 65 -1.61 1.90 25.08
C ARG D 65 -0.59 2.97 25.43
N ILE D 66 -0.13 3.72 24.43
CA ILE D 66 0.80 4.82 24.66
C ILE D 66 0.20 5.84 25.61
N LEU D 67 -1.10 6.15 25.46
CA LEU D 67 -1.72 7.23 26.23
C LEU D 67 -2.24 6.79 27.60
N SER D 68 -2.28 5.49 27.87
N SER D 68 -2.24 5.50 27.88
CA SER D 68 -2.84 5.01 29.13
CA SER D 68 -2.70 4.99 29.18
C SER D 68 -1.78 4.31 29.97
C SER D 68 -1.57 4.96 30.21
N MET E 2 -20.02 -20.03 2.07
CA MET E 2 -20.86 -19.06 1.36
C MET E 2 -20.55 -19.06 -0.14
N TRP E 3 -19.75 -18.09 -0.59
CA TRP E 3 -19.74 -17.75 -2.01
C TRP E 3 -18.82 -18.63 -2.83
N HIS E 4 -17.72 -19.10 -2.25
CA HIS E 4 -16.71 -19.89 -2.97
C HIS E 4 -16.41 -19.26 -4.32
N THR E 5 -16.10 -17.95 -4.29
CA THR E 5 -15.97 -17.18 -5.51
C THR E 5 -14.81 -17.66 -6.38
N HIS E 6 -13.64 -17.85 -5.78
CA HIS E 6 -12.48 -18.20 -6.61
C HIS E 6 -12.52 -19.66 -7.04
N SER E 7 -13.01 -20.55 -6.18
CA SER E 7 -13.10 -21.96 -6.54
C SER E 7 -14.06 -22.18 -7.72
N GLU E 8 -15.27 -21.60 -7.62
CA GLU E 8 -16.25 -21.82 -8.68
C GLU E 8 -15.84 -21.12 -9.98
N ARG E 9 -15.19 -19.94 -9.87
CA ARG E 9 -14.60 -19.28 -11.03
C ARG E 9 -13.62 -20.18 -11.76
N GLU E 10 -12.67 -20.77 -11.04
CA GLU E 10 -11.66 -21.57 -11.73
C GLU E 10 -12.23 -22.89 -12.19
N LYS E 11 -13.28 -23.40 -11.53
CA LYS E 11 -13.99 -24.57 -12.06
C LYS E 11 -14.63 -24.24 -13.40
N ARG E 12 -15.28 -23.08 -13.48
CA ARG E 12 -15.87 -22.65 -14.76
C ARG E 12 -14.79 -22.47 -15.81
N VAL E 13 -13.68 -21.81 -15.46
CA VAL E 13 -12.63 -21.59 -16.46
C VAL E 13 -12.00 -22.91 -16.89
N SER E 14 -11.82 -23.84 -15.94
CA SER E 14 -11.27 -25.15 -16.30
C SER E 14 -12.20 -25.89 -17.27
N ASN E 15 -13.51 -25.89 -16.98
CA ASN E 15 -14.46 -26.48 -17.91
C ASN E 15 -14.42 -25.78 -19.26
N ALA E 16 -14.28 -24.46 -19.25
CA ALA E 16 -14.25 -23.71 -20.50
C ALA E 16 -13.00 -24.06 -21.31
N VAL E 17 -11.86 -24.26 -20.64
CA VAL E 17 -10.64 -24.66 -21.34
C VAL E 17 -10.82 -26.02 -22.00
N GLU E 18 -11.38 -26.98 -21.26
CA GLU E 18 -11.68 -28.28 -21.81
C GLU E 18 -12.60 -28.16 -23.03
N PHE E 19 -13.64 -27.35 -22.92
CA PHE E 19 -14.56 -27.11 -24.04
C PHE E 19 -13.84 -26.50 -25.23
N LEU E 20 -13.05 -25.45 -24.99
CA LEU E 20 -12.41 -24.72 -26.08
C LEU E 20 -11.35 -25.56 -26.80
N LEU E 21 -10.78 -26.56 -26.11
CA LEU E 21 -9.77 -27.43 -26.69
C LEU E 21 -10.35 -28.67 -27.34
N ASP E 22 -11.64 -28.92 -27.16
CA ASP E 22 -12.28 -30.11 -27.71
C ASP E 22 -12.15 -30.12 -29.24
N SER E 23 -11.87 -31.32 -29.78
CA SER E 23 -11.54 -31.43 -31.20
C SER E 23 -12.69 -30.95 -32.09
N ARG E 24 -13.94 -31.20 -31.67
CA ARG E 24 -15.07 -30.70 -32.44
C ARG E 24 -15.27 -29.20 -32.26
N VAL E 25 -15.17 -28.73 -31.02
CA VAL E 25 -15.46 -27.33 -30.70
C VAL E 25 -14.44 -26.38 -31.34
N ARG E 26 -13.16 -26.78 -31.38
CA ARG E 26 -12.10 -25.85 -31.77
C ARG E 26 -12.35 -25.19 -33.13
N ARG E 27 -13.01 -25.89 -34.05
CA ARG E 27 -13.21 -25.39 -35.41
C ARG E 27 -14.55 -24.70 -35.60
N THR E 28 -15.20 -24.30 -34.55
CA THR E 28 -16.47 -23.59 -34.62
C THR E 28 -16.25 -22.12 -34.34
N PRO E 29 -17.22 -21.25 -34.65
CA PRO E 29 -16.94 -19.80 -34.55
C PRO E 29 -16.74 -19.30 -33.12
N THR E 30 -15.90 -18.28 -33.01
CA THR E 30 -15.62 -17.65 -31.72
C THR E 30 -16.90 -17.12 -31.09
N SER E 31 -17.74 -16.47 -31.90
CA SER E 31 -18.99 -15.92 -31.36
C SER E 31 -19.86 -17.03 -30.76
N SER E 32 -19.89 -18.20 -31.40
CA SER E 32 -20.64 -19.33 -30.87
C SER E 32 -20.04 -19.84 -29.57
N LYS E 33 -18.71 -19.96 -29.51
CA LYS E 33 -18.05 -20.38 -28.28
C LYS E 33 -18.32 -19.40 -27.15
N VAL E 34 -18.30 -18.10 -27.46
CA VAL E 34 -18.48 -17.07 -26.43
C VAL E 34 -19.91 -17.09 -25.89
N HIS E 35 -20.90 -17.15 -26.78
CA HIS E 35 -22.29 -17.27 -26.35
C HIS E 35 -22.51 -18.54 -25.54
N PHE E 36 -21.88 -19.64 -25.96
CA PHE E 36 -22.01 -20.89 -25.21
C PHE E 36 -21.51 -20.72 -23.77
N LEU E 37 -20.32 -20.17 -23.61
CA LEU E 37 -19.71 -20.08 -22.29
C LEU E 37 -20.49 -19.14 -21.38
N LYS E 38 -21.01 -18.03 -21.93
CA LYS E 38 -21.89 -17.16 -21.15
C LYS E 38 -23.14 -17.90 -20.67
N SER E 39 -23.69 -18.77 -21.52
CA SER E 39 -24.87 -19.53 -21.13
C SER E 39 -24.57 -20.54 -20.03
N LYS E 40 -23.30 -20.88 -19.81
CA LYS E 40 -22.88 -21.74 -18.72
C LYS E 40 -22.53 -20.98 -17.45
N GLY E 41 -22.69 -19.67 -17.46
CA GLY E 41 -22.45 -18.86 -16.28
C GLY E 41 -21.11 -18.18 -16.24
N LEU E 42 -20.27 -18.33 -17.26
CA LEU E 42 -19.01 -17.59 -17.27
C LEU E 42 -19.27 -16.12 -17.56
N SER E 43 -18.61 -15.25 -16.82
CA SER E 43 -18.58 -13.83 -17.11
C SER E 43 -17.64 -13.55 -18.28
N ALA E 44 -17.77 -12.35 -18.84
CA ALA E 44 -16.87 -11.96 -19.94
C ALA E 44 -15.40 -12.04 -19.51
N GLU E 45 -15.08 -11.61 -18.29
CA GLU E 45 -13.71 -11.73 -17.81
C GLU E 45 -13.26 -13.19 -17.73
N GLU E 46 -14.16 -14.10 -17.28
CA GLU E 46 -13.80 -15.51 -17.21
C GLU E 46 -13.63 -16.13 -18.59
N ILE E 47 -14.51 -15.76 -19.55
CA ILE E 47 -14.34 -16.20 -20.92
C ILE E 47 -13.00 -15.69 -21.44
N CYS E 48 -12.65 -14.45 -21.06
N CYS E 48 -12.64 -14.48 -21.03
CA CYS E 48 -11.34 -13.90 -21.41
CA CYS E 48 -11.36 -13.90 -21.41
C CYS E 48 -10.21 -14.78 -20.89
C CYS E 48 -10.20 -14.75 -20.88
N GLU E 49 -10.24 -15.12 -19.61
CA GLU E 49 -9.23 -16.00 -19.03
C GLU E 49 -9.14 -17.34 -19.77
N ALA E 50 -10.29 -17.93 -20.13
CA ALA E 50 -10.30 -19.22 -20.82
C ALA E 50 -9.63 -19.14 -22.18
N PHE E 51 -9.96 -18.11 -22.96
CA PHE E 51 -9.33 -17.97 -24.27
C PHE E 51 -7.84 -17.72 -24.16
N THR E 52 -7.42 -16.96 -23.14
CA THR E 52 -5.99 -16.77 -22.95
C THR E 52 -5.32 -18.08 -22.59
N LYS E 53 -5.95 -18.91 -21.75
CA LYS E 53 -5.31 -20.15 -21.33
C LYS E 53 -5.22 -21.19 -22.44
N VAL E 54 -6.04 -21.08 -23.50
CA VAL E 54 -5.91 -21.99 -24.63
C VAL E 54 -5.03 -21.37 -25.72
N GLY E 55 -4.36 -20.27 -25.39
CA GLY E 55 -3.44 -19.66 -26.32
C GLY E 55 -4.10 -18.93 -27.48
N GLN E 56 -5.37 -18.57 -27.34
CA GLN E 56 -6.09 -17.81 -28.36
C GLN E 56 -6.71 -16.61 -27.67
N PRO E 57 -5.88 -15.67 -27.22
CA PRO E 57 -6.38 -14.58 -26.38
C PRO E 57 -7.34 -13.68 -27.15
N LYS E 58 -8.43 -13.32 -26.48
CA LYS E 58 -9.40 -12.35 -26.98
C LYS E 58 -9.46 -11.21 -25.97
N THR E 59 -9.60 -9.98 -26.48
CA THR E 59 -9.68 -8.84 -25.58
C THR E 59 -11.04 -8.81 -24.88
N LEU E 60 -11.07 -8.17 -23.72
CA LEU E 60 -12.31 -8.02 -22.99
C LEU E 60 -13.38 -7.31 -23.82
N ASN E 61 -12.98 -6.26 -24.55
CA ASN E 61 -13.97 -5.50 -25.32
C ASN E 61 -14.54 -6.32 -26.48
N GLU E 62 -13.71 -7.16 -27.11
CA GLU E 62 -14.20 -8.05 -28.16
C GLU E 62 -15.25 -9.00 -27.62
N ILE E 63 -14.99 -9.58 -26.45
CA ILE E 63 -15.94 -10.49 -25.82
C ILE E 63 -17.20 -9.73 -25.44
N LYS E 64 -17.05 -8.56 -24.81
CA LYS E 64 -18.23 -7.82 -24.41
C LYS E 64 -19.09 -7.44 -25.61
N ARG E 65 -18.45 -7.17 -26.75
CA ARG E 65 -19.19 -6.77 -27.94
C ARG E 65 -20.01 -7.92 -28.50
N ILE E 66 -19.49 -9.14 -28.43
CA ILE E 66 -20.27 -10.31 -28.84
C ILE E 66 -21.51 -10.48 -27.96
N LEU E 67 -21.33 -10.30 -26.65
CA LEU E 67 -22.37 -10.58 -25.67
C LEU E 67 -23.35 -9.44 -25.46
N SER E 68 -23.04 -8.23 -25.91
CA SER E 68 -23.95 -7.11 -25.75
C SER E 68 -25.10 -7.20 -26.75
N GLU F 8 3.36 9.18 37.30
CA GLU F 8 4.75 9.53 37.54
C GLU F 8 5.46 9.83 36.24
N ARG F 9 5.13 9.07 35.20
CA ARG F 9 5.74 9.28 33.89
C ARG F 9 5.39 10.67 33.36
N GLU F 10 4.09 11.01 33.40
CA GLU F 10 3.67 12.31 32.89
C GLU F 10 4.05 13.45 33.82
N LYS F 11 4.27 13.17 35.09
CA LYS F 11 4.76 14.19 36.01
C LYS F 11 6.15 14.68 35.62
N ARG F 12 7.06 13.76 35.32
CA ARG F 12 8.42 14.13 34.94
C ARG F 12 8.44 14.94 33.66
N VAL F 13 7.65 14.56 32.66
CA VAL F 13 7.64 15.28 31.39
C VAL F 13 7.11 16.69 31.57
N SER F 14 6.09 16.88 32.42
CA SER F 14 5.57 18.22 32.64
C SER F 14 6.63 19.11 33.29
N ASN F 15 7.37 18.56 34.26
CA ASN F 15 8.46 19.31 34.88
C ASN F 15 9.56 19.65 33.87
N ALA F 16 9.83 18.73 32.93
CA ALA F 16 10.85 18.99 31.91
C ALA F 16 10.42 20.10 30.96
N VAL F 17 9.13 20.15 30.60
CA VAL F 17 8.64 21.24 29.76
C VAL F 17 8.78 22.57 30.48
N GLU F 18 8.38 22.60 31.76
CA GLU F 18 8.58 23.82 32.55
C GLU F 18 10.04 24.25 32.53
N PHE F 19 10.94 23.28 32.70
CA PHE F 19 12.38 23.56 32.68
C PHE F 19 12.81 24.15 31.33
N LEU F 20 12.42 23.48 30.23
CA LEU F 20 12.84 23.88 28.90
C LEU F 20 12.26 25.22 28.47
N LEU F 21 11.14 25.63 29.05
CA LEU F 21 10.51 26.91 28.72
C LEU F 21 11.05 28.08 29.53
N ASP F 22 11.84 27.81 30.57
CA ASP F 22 12.37 28.88 31.40
C ASP F 22 13.21 29.83 30.55
N SER F 23 13.02 31.14 30.78
CA SER F 23 13.68 32.13 29.93
C SER F 23 15.19 32.02 29.99
N ARG F 24 15.73 31.68 31.16
CA ARG F 24 17.18 31.50 31.26
C ARG F 24 17.62 30.19 30.63
N VAL F 25 16.87 29.10 30.88
CA VAL F 25 17.24 27.79 30.36
C VAL F 25 17.16 27.75 28.84
N ARG F 26 16.15 28.42 28.26
CA ARG F 26 15.93 28.34 26.81
C ARG F 26 17.17 28.71 26.01
N ARG F 27 17.99 29.62 26.54
CA ARG F 27 19.18 30.09 25.84
C ARG F 27 20.42 29.28 26.20
N THR F 28 20.25 28.08 26.73
CA THR F 28 21.37 27.20 27.05
C THR F 28 21.45 26.09 26.02
N PRO F 29 22.61 25.43 25.90
CA PRO F 29 22.77 24.43 24.85
C PRO F 29 21.93 23.19 25.10
N THR F 30 21.63 22.51 23.99
CA THR F 30 20.86 21.27 24.06
C THR F 30 21.53 20.24 24.96
N SER F 31 22.87 20.11 24.85
CA SER F 31 23.57 19.13 25.67
C SER F 31 23.38 19.38 27.16
N SER F 32 23.44 20.65 27.57
N SER F 32 23.46 20.65 27.58
CA SER F 32 23.22 21.00 28.97
CA SER F 32 23.22 21.00 28.97
C SER F 32 21.81 20.65 29.43
C SER F 32 21.81 20.57 29.40
N LYS F 33 20.82 20.87 28.57
CA LYS F 33 19.43 20.56 28.94
C LYS F 33 19.21 19.05 29.04
N VAL F 34 19.81 18.28 28.13
CA VAL F 34 19.59 16.84 28.12
C VAL F 34 20.23 16.19 29.35
N HIS F 35 21.47 16.58 29.67
CA HIS F 35 22.10 16.05 30.87
C HIS F 35 21.33 16.41 32.14
N PHE F 36 20.83 17.65 32.24
CA PHE F 36 20.04 18.02 33.41
C PHE F 36 18.84 17.09 33.56
N LEU F 37 18.07 16.91 32.49
CA LEU F 37 16.82 16.16 32.59
C LEU F 37 17.06 14.69 32.93
N LYS F 38 18.09 14.08 32.36
CA LYS F 38 18.48 12.73 32.75
C LYS F 38 18.83 12.68 34.24
N SER F 39 19.49 13.73 34.75
CA SER F 39 19.84 13.77 36.16
C SER F 39 18.61 13.90 37.05
N LYS F 40 17.47 14.31 36.49
CA LYS F 40 16.23 14.34 37.24
C LYS F 40 15.43 13.04 37.12
N GLY F 41 15.95 12.03 36.43
CA GLY F 41 15.31 10.73 36.36
C GLY F 41 14.50 10.46 35.11
N LEU F 42 14.51 11.36 34.13
CA LEU F 42 13.80 11.11 32.89
C LEU F 42 14.57 10.11 32.03
N SER F 43 13.83 9.21 31.40
CA SER F 43 14.42 8.38 30.37
C SER F 43 14.63 9.23 29.12
N ALA F 44 15.46 8.71 28.21
CA ALA F 44 15.68 9.38 26.93
C ALA F 44 14.37 9.57 26.18
N GLU F 45 13.49 8.56 26.25
CA GLU F 45 12.20 8.66 25.58
C GLU F 45 11.38 9.84 26.11
N GLU F 46 11.41 10.05 27.43
CA GLU F 46 10.68 11.17 28.02
C GLU F 46 11.32 12.50 27.66
N ILE F 47 12.65 12.56 27.61
CA ILE F 47 13.34 13.78 27.19
C ILE F 47 12.95 14.14 25.77
N CYS F 48 12.85 13.15 24.89
N CYS F 48 12.85 13.13 24.89
CA CYS F 48 12.36 13.40 23.53
CA CYS F 48 12.37 13.34 23.54
C CYS F 48 10.95 13.99 23.54
C CYS F 48 10.97 13.96 23.54
N GLU F 49 10.08 13.46 24.40
CA GLU F 49 8.71 13.97 24.45
C GLU F 49 8.70 15.45 24.81
N ALA F 50 9.51 15.83 25.81
CA ALA F 50 9.52 17.21 26.27
C ALA F 50 9.99 18.15 25.17
N PHE F 51 11.05 17.78 24.44
CA PHE F 51 11.58 18.65 23.39
C PHE F 51 10.56 18.87 22.28
N THR F 52 9.80 17.83 21.92
N THR F 52 9.80 17.84 21.93
CA THR F 52 8.73 17.99 20.95
CA THR F 52 8.75 18.04 20.93
C THR F 52 7.66 18.94 21.47
C THR F 52 7.65 18.94 21.46
N LYS F 53 7.26 18.77 22.73
CA LYS F 53 6.21 19.62 23.30
C LYS F 53 6.62 21.08 23.42
N VAL F 54 7.91 21.40 23.46
CA VAL F 54 8.35 22.79 23.49
C VAL F 54 8.66 23.31 22.09
N GLY F 55 8.29 22.56 21.05
CA GLY F 55 8.53 23.01 19.69
C GLY F 55 9.96 22.91 19.23
N GLN F 56 10.79 22.10 19.89
CA GLN F 56 12.18 21.87 19.49
C GLN F 56 12.41 20.37 19.37
N PRO F 57 11.77 19.71 18.40
CA PRO F 57 11.80 18.24 18.33
C PRO F 57 13.20 17.69 18.13
N LYS F 58 13.51 16.64 18.87
CA LYS F 58 14.78 15.94 18.77
C LYS F 58 14.55 14.45 18.53
N THR F 59 15.43 13.82 17.75
CA THR F 59 15.28 12.37 17.60
C THR F 59 15.77 11.64 18.84
N LEU F 60 15.26 10.42 19.00
CA LEU F 60 15.71 9.55 20.08
C LEU F 60 17.21 9.31 19.98
N ASN F 61 17.74 9.16 18.76
CA ASN F 61 19.17 8.90 18.58
C ASN F 61 20.03 10.09 19.00
N GLU F 62 19.56 11.31 18.77
CA GLU F 62 20.26 12.49 19.29
C GLU F 62 20.38 12.42 20.80
N ILE F 63 19.24 12.22 21.48
CA ILE F 63 19.21 12.25 22.93
C ILE F 63 20.06 11.12 23.49
N LYS F 64 19.90 9.92 22.94
CA LYS F 64 20.68 8.78 23.42
C LYS F 64 22.17 9.00 23.22
N ARG F 65 22.54 9.67 22.12
CA ARG F 65 23.95 9.92 21.86
C ARG F 65 24.53 10.96 22.82
N ILE F 66 23.73 11.96 23.17
CA ILE F 66 24.20 12.93 24.16
C ILE F 66 24.49 12.24 25.49
N LEU F 67 23.63 11.30 25.88
CA LEU F 67 23.74 10.66 27.18
C LEU F 67 24.67 9.44 27.17
N SER F 68 25.05 8.94 26.00
CA SER F 68 25.96 7.80 25.91
C SER F 68 27.33 8.18 26.46
N ARG G 9 28.12 22.96 10.40
CA ARG G 9 29.08 21.92 10.02
C ARG G 9 29.00 20.74 10.98
N GLU G 10 29.08 21.03 12.28
CA GLU G 10 29.05 19.96 13.27
C GLU G 10 27.66 19.38 13.43
N LYS G 11 26.62 20.11 13.03
CA LYS G 11 25.30 19.51 12.95
C LYS G 11 25.26 18.40 11.91
N ARG G 12 25.79 18.67 10.70
CA ARG G 12 25.86 17.64 9.67
C ARG G 12 26.70 16.47 10.12
N VAL G 13 27.85 16.75 10.74
CA VAL G 13 28.71 15.65 11.21
C VAL G 13 28.00 14.89 12.33
N SER G 14 27.30 15.59 13.22
CA SER G 14 26.56 14.89 14.27
C SER G 14 25.40 14.09 13.68
N ASN G 15 24.68 14.66 12.71
CA ASN G 15 23.68 13.88 11.99
C ASN G 15 24.33 12.70 11.29
N ALA G 16 25.53 12.89 10.74
CA ALA G 16 26.20 11.78 10.05
C ALA G 16 26.59 10.70 11.05
N VAL G 17 27.10 11.10 12.22
CA VAL G 17 27.48 10.13 13.24
C VAL G 17 26.26 9.33 13.68
N GLU G 18 25.15 10.04 13.92
CA GLU G 18 23.89 9.37 14.23
C GLU G 18 23.50 8.40 13.13
N PHE G 19 23.62 8.82 11.87
CA PHE G 19 23.29 7.94 10.74
C PHE G 19 24.16 6.69 10.72
N LEU G 20 25.48 6.89 10.79
CA LEU G 20 26.42 5.78 10.67
C LEU G 20 26.32 4.79 11.82
N LEU G 21 25.86 5.24 12.98
CA LEU G 21 25.72 4.36 14.14
C LEU G 21 24.37 3.66 14.20
N ASP G 22 23.42 4.04 13.36
CA ASP G 22 22.11 3.41 13.37
C ASP G 22 22.24 1.92 13.11
N SER G 23 21.47 1.12 13.87
CA SER G 23 21.65 -0.33 13.85
C SER G 23 21.41 -0.91 12.47
N ARG G 24 20.48 -0.32 11.71
CA ARG G 24 20.26 -0.79 10.35
C ARG G 24 21.38 -0.32 9.41
N VAL G 25 21.77 0.95 9.53
CA VAL G 25 22.75 1.54 8.64
C VAL G 25 24.13 0.90 8.79
N ARG G 26 24.53 0.56 10.02
CA ARG G 26 25.88 0.05 10.25
C ARG G 26 26.19 -1.18 9.39
N ARG G 27 25.19 -2.00 9.08
CA ARG G 27 25.41 -3.24 8.36
C ARG G 27 25.28 -3.10 6.84
N THR G 28 25.40 -1.88 6.31
CA THR G 28 25.41 -1.58 4.89
C THR G 28 26.83 -1.19 4.45
N PRO G 29 27.13 -1.26 3.15
CA PRO G 29 28.51 -1.02 2.69
C PRO G 29 28.92 0.45 2.83
N THR G 30 30.24 0.62 2.90
CA THR G 30 30.86 1.93 3.00
C THR G 30 30.49 2.83 1.83
N SER G 31 30.46 2.29 0.61
CA SER G 31 30.18 3.10 -0.57
C SER G 31 28.79 3.73 -0.49
N SER G 32 27.79 2.96 -0.04
CA SER G 32 26.44 3.51 0.06
C SER G 32 26.35 4.54 1.17
N LYS G 33 27.09 4.33 2.26
CA LYS G 33 27.06 5.29 3.35
C LYS G 33 27.66 6.62 2.91
N VAL G 34 28.74 6.58 2.15
CA VAL G 34 29.41 7.81 1.73
C VAL G 34 28.53 8.58 0.76
N HIS G 35 27.92 7.88 -0.21
CA HIS G 35 27.02 8.53 -1.14
C HIS G 35 25.80 9.12 -0.44
N PHE G 36 25.26 8.41 0.55
CA PHE G 36 24.15 8.97 1.32
C PHE G 36 24.55 10.29 1.96
N LEU G 37 25.69 10.32 2.64
CA LEU G 37 26.08 11.51 3.39
C LEU G 37 26.36 12.70 2.48
N LYS G 38 26.98 12.46 1.32
CA LYS G 38 27.17 13.52 0.34
C LYS G 38 25.84 14.07 -0.16
N SER G 39 24.84 13.20 -0.33
CA SER G 39 23.56 13.72 -0.81
C SER G 39 22.90 14.61 0.23
N LYS G 40 23.29 14.50 1.49
CA LYS G 40 22.79 15.37 2.53
C LYS G 40 23.63 16.64 2.69
N GLY G 41 24.61 16.87 1.81
CA GLY G 41 25.36 18.11 1.82
C GLY G 41 26.70 18.09 2.54
N LEU G 42 27.12 16.94 3.04
CA LEU G 42 28.43 16.88 3.68
C LEU G 42 29.53 16.95 2.65
N SER G 43 30.56 17.73 2.96
CA SER G 43 31.77 17.68 2.16
C SER G 43 32.54 16.40 2.50
N ALA G 44 33.49 16.05 1.64
CA ALA G 44 34.31 14.87 1.90
C ALA G 44 35.04 14.99 3.23
N GLU G 45 35.51 16.20 3.55
CA GLU G 45 36.17 16.42 4.83
C GLU G 45 35.23 16.13 6.00
N GLU G 46 33.98 16.55 5.90
CA GLU G 46 33.05 16.26 6.98
C GLU G 46 32.75 14.76 7.09
N ILE G 47 32.67 14.08 5.95
CA ILE G 47 32.45 12.63 5.97
C ILE G 47 33.63 11.91 6.62
N CYS G 48 34.86 12.34 6.33
CA CYS G 48 36.03 11.84 7.04
C CYS G 48 35.83 11.95 8.55
N GLU G 49 35.48 13.15 9.01
CA GLU G 49 35.31 13.38 10.43
C GLU G 49 34.30 12.42 11.03
N ALA G 50 33.19 12.22 10.33
CA ALA G 50 32.13 11.35 10.83
C ALA G 50 32.63 9.92 10.99
N PHE G 51 33.37 9.40 10.00
CA PHE G 51 33.84 8.02 10.07
C PHE G 51 34.83 7.80 11.19
N THR G 52 35.76 8.75 11.40
CA THR G 52 36.69 8.62 12.51
C THR G 52 35.95 8.52 13.83
N LYS G 53 34.92 9.36 14.00
CA LYS G 53 34.19 9.38 15.27
C LYS G 53 33.40 8.11 15.51
N VAL G 54 33.05 7.35 14.46
CA VAL G 54 32.36 6.08 14.66
C VAL G 54 33.40 4.97 14.71
N GLY G 55 34.67 5.33 14.80
CA GLY G 55 35.72 4.33 14.95
C GLY G 55 36.06 3.54 13.71
N GLN G 56 35.75 4.08 12.52
CA GLN G 56 36.10 3.45 11.25
C GLN G 56 36.77 4.50 10.37
N PRO G 57 38.00 4.91 10.69
CA PRO G 57 38.62 6.04 10.00
C PRO G 57 38.80 5.76 8.51
N LYS G 58 38.50 6.77 7.70
CA LYS G 58 38.74 6.72 6.27
C LYS G 58 39.61 7.90 5.87
N THR G 59 40.49 7.68 4.90
CA THR G 59 41.30 8.79 4.40
C THR G 59 40.46 9.71 3.52
N LEU G 60 40.90 10.95 3.41
CA LEU G 60 40.24 11.90 2.52
C LEU G 60 40.26 11.40 1.08
N ASN G 61 41.38 10.81 0.66
CA ASN G 61 41.50 10.39 -0.73
C ASN G 61 40.54 9.25 -1.06
N GLU G 62 40.31 8.34 -0.12
CA GLU G 62 39.42 7.23 -0.40
C GLU G 62 37.95 7.66 -0.39
N ILE G 63 37.63 8.76 0.30
CA ILE G 63 36.27 9.30 0.26
C ILE G 63 36.01 10.01 -1.06
N LYS G 64 36.94 10.87 -1.47
CA LYS G 64 36.82 11.55 -2.75
C LYS G 64 36.88 10.56 -3.91
N ARG G 65 37.57 9.44 -3.74
CA ARG G 65 37.55 8.40 -4.76
C ARG G 65 36.18 7.76 -4.88
N ILE G 66 35.46 7.66 -3.77
CA ILE G 66 34.08 7.16 -3.79
C ILE G 66 33.16 8.19 -4.44
N LEU G 67 33.34 9.47 -4.13
CA LEU G 67 32.44 10.52 -4.57
C LEU G 67 32.79 11.10 -5.94
N SER G 68 33.93 10.72 -6.52
CA SER G 68 34.36 11.30 -7.78
C SER G 68 33.46 10.85 -8.95
N TRP H 3 -21.13 -29.16 -16.56
CA TRP H 3 -21.35 -27.84 -15.96
C TRP H 3 -22.60 -27.88 -15.09
N HIS H 4 -22.42 -27.86 -13.78
CA HIS H 4 -23.55 -27.78 -12.86
C HIS H 4 -24.24 -26.43 -13.00
N THR H 5 -24.71 -26.11 -14.21
CA THR H 5 -25.20 -24.77 -14.53
C THR H 5 -26.34 -24.37 -13.61
N HIS H 6 -27.39 -25.20 -13.56
CA HIS H 6 -28.60 -24.82 -12.83
C HIS H 6 -28.35 -24.74 -11.34
N SER H 7 -27.71 -25.76 -10.75
CA SER H 7 -27.56 -25.80 -9.31
C SER H 7 -26.70 -24.63 -8.82
N GLU H 8 -25.60 -24.35 -9.53
CA GLU H 8 -24.73 -23.26 -9.13
C GLU H 8 -25.39 -21.90 -9.35
N ARG H 9 -26.21 -21.76 -10.40
CA ARG H 9 -26.97 -20.54 -10.60
C ARG H 9 -27.90 -20.28 -9.43
N GLU H 10 -28.69 -21.29 -9.05
CA GLU H 10 -29.65 -21.07 -7.97
C GLU H 10 -28.96 -20.99 -6.61
N LYS H 11 -27.76 -21.58 -6.48
CA LYS H 11 -26.96 -21.34 -5.29
C LYS H 11 -26.52 -19.89 -5.21
N ARG H 12 -26.03 -19.34 -6.32
CA ARG H 12 -25.65 -17.93 -6.31
C ARG H 12 -26.84 -17.05 -5.99
N VAL H 13 -27.99 -17.35 -6.58
CA VAL H 13 -29.18 -16.52 -6.36
C VAL H 13 -29.66 -16.64 -4.91
N SER H 14 -29.66 -17.86 -4.34
CA SER H 14 -30.06 -18.03 -2.95
C SER H 14 -29.17 -17.23 -2.01
N ASN H 15 -27.86 -17.28 -2.24
CA ASN H 15 -26.94 -16.46 -1.45
C ASN H 15 -27.23 -14.98 -1.65
N ALA H 16 -27.58 -14.59 -2.87
CA ALA H 16 -27.84 -13.17 -3.13
C ALA H 16 -29.09 -12.68 -2.42
N VAL H 17 -30.12 -13.53 -2.36
CA VAL H 17 -31.35 -13.15 -1.69
C VAL H 17 -31.09 -12.88 -0.20
N GLU H 18 -30.35 -13.78 0.46
CA GLU H 18 -29.98 -13.55 1.85
C GLU H 18 -29.23 -12.24 1.99
N PHE H 19 -28.27 -11.97 1.10
CA PHE H 19 -27.49 -10.73 1.13
C PHE H 19 -28.40 -9.51 1.02
N LEU H 20 -29.31 -9.52 0.04
CA LEU H 20 -30.17 -8.36 -0.21
C LEU H 20 -31.15 -8.10 0.93
N LEU H 21 -31.51 -9.14 1.70
CA LEU H 21 -32.45 -9.00 2.81
C LEU H 21 -31.77 -8.57 4.10
N ASP H 22 -30.44 -8.58 4.13
CA ASP H 22 -29.72 -8.16 5.33
C ASP H 22 -30.07 -6.73 5.69
N SER H 23 -30.33 -6.49 6.99
CA SER H 23 -30.84 -5.20 7.42
C SER H 23 -29.84 -4.08 7.14
N ARG H 24 -28.54 -4.37 7.24
CA ARG H 24 -27.55 -3.35 6.92
C ARG H 24 -27.47 -3.15 5.42
N VAL H 25 -27.45 -4.24 4.67
CA VAL H 25 -27.31 -4.19 3.21
C VAL H 25 -28.49 -3.44 2.61
N ARG H 26 -29.69 -3.64 3.18
CA ARG H 26 -30.87 -2.98 2.66
C ARG H 26 -30.70 -1.47 2.64
N ARG H 27 -29.95 -0.94 3.60
CA ARG H 27 -29.74 0.49 3.74
C ARG H 27 -28.50 0.98 3.00
N THR H 28 -28.03 0.21 2.02
CA THR H 28 -26.97 0.66 1.11
C THR H 28 -27.53 0.82 -0.30
N PRO H 29 -26.88 1.60 -1.17
CA PRO H 29 -27.46 1.90 -2.47
C PRO H 29 -27.46 0.69 -3.41
N THR H 30 -28.37 0.75 -4.38
CA THR H 30 -28.48 -0.33 -5.36
C THR H 30 -27.16 -0.59 -6.07
N SER H 31 -26.46 0.48 -6.45
CA SER H 31 -25.19 0.32 -7.16
C SER H 31 -24.18 -0.48 -6.34
N SER H 32 -24.15 -0.25 -5.03
CA SER H 32 -23.21 -0.98 -4.16
C SER H 32 -23.56 -2.47 -4.15
N LYS H 33 -24.83 -2.78 -3.94
CA LYS H 33 -25.26 -4.18 -3.93
C LYS H 33 -25.03 -4.86 -5.26
N VAL H 34 -25.23 -4.14 -6.36
CA VAL H 34 -25.07 -4.75 -7.68
C VAL H 34 -23.60 -5.06 -7.95
N HIS H 35 -22.71 -4.11 -7.62
CA HIS H 35 -21.29 -4.38 -7.81
C HIS H 35 -20.84 -5.55 -6.95
N PHE H 36 -21.32 -5.62 -5.70
CA PHE H 36 -20.98 -6.74 -4.84
C PHE H 36 -21.40 -8.08 -5.46
N LEU H 37 -22.65 -8.18 -5.89
CA LEU H 37 -23.13 -9.47 -6.42
C LEU H 37 -22.38 -9.85 -7.67
N LYS H 38 -22.05 -8.88 -8.52
CA LYS H 38 -21.22 -9.16 -9.69
C LYS H 38 -19.85 -9.69 -9.28
N SER H 39 -19.27 -9.13 -8.20
CA SER H 39 -17.96 -9.58 -7.77
C SER H 39 -18.00 -11.01 -7.23
N LYS H 40 -19.18 -11.50 -6.84
CA LYS H 40 -19.33 -12.90 -6.42
C LYS H 40 -19.69 -13.83 -7.57
N GLY H 41 -19.77 -13.32 -8.80
CA GLY H 41 -20.00 -14.16 -9.97
C GLY H 41 -21.42 -14.18 -10.49
N LEU H 42 -22.33 -13.43 -9.90
CA LEU H 42 -23.67 -13.36 -10.46
C LEU H 42 -23.66 -12.53 -11.73
N SER H 43 -24.35 -13.01 -12.75
CA SER H 43 -24.59 -12.22 -13.94
C SER H 43 -25.67 -11.18 -13.65
N ALA H 44 -25.78 -10.20 -14.56
CA ALA H 44 -26.84 -9.21 -14.42
C ALA H 44 -28.21 -9.87 -14.36
N GLU H 45 -28.40 -10.92 -15.18
CA GLU H 45 -29.66 -11.66 -15.19
C GLU H 45 -29.93 -12.32 -13.83
N GLU H 46 -28.92 -12.92 -13.22
CA GLU H 46 -29.12 -13.53 -11.90
C GLU H 46 -29.33 -12.46 -10.83
N ILE H 47 -28.63 -11.34 -10.95
CA ILE H 47 -28.87 -10.23 -10.01
C ILE H 47 -30.31 -9.77 -10.13
N CYS H 48 -30.80 -9.67 -11.37
N CYS H 48 -30.81 -9.64 -11.36
CA CYS H 48 -32.20 -9.33 -11.57
CA CYS H 48 -32.22 -9.33 -11.56
C CYS H 48 -33.13 -10.33 -10.89
C CYS H 48 -33.12 -10.33 -10.85
N GLU H 49 -32.80 -11.63 -10.97
CA GLU H 49 -33.62 -12.65 -10.32
C GLU H 49 -33.66 -12.46 -8.81
N ALA H 50 -32.49 -12.19 -8.21
CA ALA H 50 -32.42 -12.00 -6.77
C ALA H 50 -33.26 -10.81 -6.31
N PHE H 51 -33.18 -9.68 -7.03
CA PHE H 51 -33.94 -8.50 -6.62
C PHE H 51 -35.44 -8.75 -6.67
N THR H 52 -35.90 -9.47 -7.69
N THR H 52 -35.90 -9.45 -7.70
CA THR H 52 -37.33 -9.79 -7.74
CA THR H 52 -37.31 -9.82 -7.76
C THR H 52 -37.72 -10.70 -6.57
C THR H 52 -37.70 -10.68 -6.56
N LYS H 53 -36.84 -11.62 -6.19
CA LYS H 53 -37.16 -12.55 -5.11
C LYS H 53 -37.22 -11.87 -3.74
N VAL H 54 -36.58 -10.71 -3.55
CA VAL H 54 -36.71 -9.99 -2.29
C VAL H 54 -37.77 -8.91 -2.35
N GLY H 55 -38.56 -8.86 -3.41
CA GLY H 55 -39.61 -7.86 -3.49
C GLY H 55 -39.15 -6.47 -3.83
N GLN H 56 -37.97 -6.32 -4.42
CA GLN H 56 -37.46 -5.04 -4.90
C GLN H 56 -37.01 -5.20 -6.35
N PRO H 57 -37.95 -5.47 -7.26
CA PRO H 57 -37.57 -5.82 -8.64
C PRO H 57 -36.85 -4.67 -9.36
N LYS H 58 -35.83 -5.04 -10.13
CA LYS H 58 -35.08 -4.11 -10.96
C LYS H 58 -35.14 -4.54 -12.42
N THR H 59 -35.11 -3.56 -13.32
CA THR H 59 -35.04 -3.93 -14.73
C THR H 59 -33.64 -4.43 -15.06
N LEU H 60 -33.56 -5.24 -16.11
CA LEU H 60 -32.26 -5.73 -16.59
C LEU H 60 -31.36 -4.58 -17.02
N ASN H 61 -31.92 -3.59 -17.70
CA ASN H 61 -31.09 -2.49 -18.18
C ASN H 61 -30.55 -1.65 -17.02
N GLU H 62 -31.35 -1.45 -15.98
CA GLU H 62 -30.84 -0.76 -14.79
C GLU H 62 -29.60 -1.46 -14.26
N ILE H 63 -29.62 -2.79 -14.21
CA ILE H 63 -28.51 -3.54 -13.64
C ILE H 63 -27.30 -3.48 -14.57
N LYS H 64 -27.53 -3.69 -15.87
CA LYS H 64 -26.44 -3.64 -16.83
C LYS H 64 -25.82 -2.25 -16.89
N ARG H 65 -26.62 -1.19 -16.71
CA ARG H 65 -26.07 0.15 -16.76
C ARG H 65 -25.09 0.39 -15.61
N ILE H 66 -25.43 -0.09 -14.41
CA ILE H 66 -24.53 0.03 -13.27
C ILE H 66 -23.21 -0.67 -13.55
N LEU H 67 -23.26 -1.85 -14.17
CA LEU H 67 -22.10 -2.70 -14.34
C LEU H 67 -21.30 -2.34 -15.58
N SER H 68 -21.86 -1.57 -16.50
CA SER H 68 -21.11 -1.22 -17.70
C SER H 68 -20.02 -0.19 -17.45
#